data_4TKT
#
_entry.id   4TKT
#
_cell.length_a   83.331
_cell.length_b   83.331
_cell.length_c   203.725
_cell.angle_alpha   90.00
_cell.angle_beta   90.00
_cell.angle_gamma   120.00
#
_symmetry.space_group_name_H-M   'P 32 2 1'
#
loop_
_entity.id
_entity.type
_entity.pdbx_description
1 polymer 'AT-less polyketide synthase'
2 non-polymer 'CHLORIDE ION'
3 non-polymer 'SULFATE ION'
4 non-polymer '2-(N-MORPHOLINO)-ETHANESULFONIC ACID'
5 non-polymer GLYCEROL
6 water water
#
_entity_poly.entity_id   1
_entity_poly.type   'polypeptide(L)'
_entity_poly.pdbx_seq_one_letter_code
;SNAEQG(MSE)AIAIVG(MSE)AGRYPGAPDLDTFWENLLAGRDSITEIPAGRWDHSRYYDARRGVPGRTYSKWGGFLDG
IDEFDPLFFGISPKAAST(MSE)DPQERLFLQCAHTTLEDAGYSRGALRAAARARVAEDAGDIGVFAGA(MSE)YSEYQL
YGAEYSVRGEPVVVPGSLASIANRVSYFLDASGPSVTVDT(MSE)CASALSAIHLACAALQRGECGVALAGGVNLSVHPG
KYL(MSE)IGEGQFASSDGRCRSFGEGGDGYVPGEGVGAVLLRPLADAVADGDRILGVIRGTAVNHGGHTHGFTVPNPLA
QAAVIRSAWRRAGVDPRDIGCIEAHGTGTSLGDPIEIAGLNAAFAEFTDARNFCAIGSAKSNIGHLESAAGIAGLAKLLL
Q(MSE)RHGTLVPSLHAERVNPDIDFADSPFVLQREAAPWPRTGTRPRLGGLSSFGAGGSNAHVVVEDYVEEHAGKDLAP
EAHRGETVVVVLSAFDEERLRESAGRLRDALRKERWSSADLPDIAYTLQVGREA(MSE)TARFAVAVSTLPALVDALDAC
ALGSGLPAGAYFNPGGDRGGAVKDFLTDEDFQETAVRWARRGKPAPLAEAWTSGLAVDWARLHTEGPKPRKVALPGYPFA
RERYWYTDGLPELQEI
;
_entity_poly.pdbx_strand_id   A
#
# COMPACT_ATOMS: atom_id res chain seq x y z
N GLN A 5 11.95 23.83 -4.18
CA GLN A 5 10.67 23.79 -3.48
C GLN A 5 9.99 22.43 -3.62
N GLY A 6 9.90 21.93 -4.84
CA GLY A 6 9.27 20.65 -5.10
C GLY A 6 7.79 20.78 -5.42
N ALA A 8 5.48 19.21 -3.72
CA ALA A 8 4.83 19.16 -2.40
C ALA A 8 3.53 18.36 -2.39
N ILE A 9 3.63 17.08 -2.71
CA ILE A 9 2.47 16.19 -2.65
C ILE A 9 2.54 15.33 -1.41
N ALA A 10 1.56 15.51 -0.52
CA ALA A 10 1.55 14.82 0.76
C ALA A 10 0.96 13.42 0.64
N ILE A 11 1.48 12.50 1.44
CA ILE A 11 0.89 11.17 1.56
C ILE A 11 0.08 11.11 2.84
N VAL A 12 -1.24 11.01 2.70
CA VAL A 12 -2.13 11.13 3.85
C VAL A 12 -2.71 9.79 4.31
N GLY A 13 -2.36 8.72 3.63
CA GLY A 13 -2.84 7.40 3.97
C GLY A 13 -2.17 6.33 3.14
N ALA A 15 -1.96 1.77 2.45
CA ALA A 15 -2.27 0.38 2.73
C ALA A 15 -1.34 -0.52 1.94
N GLY A 16 -1.03 -1.68 2.49
CA GLY A 16 -0.11 -2.60 1.85
C GLY A 16 -0.34 -4.04 2.23
N ARG A 17 -0.29 -4.92 1.25
CA ARG A 17 -0.44 -6.36 1.47
C ARG A 17 0.64 -7.09 0.71
N TYR A 18 1.65 -7.55 1.43
CA TYR A 18 2.89 -8.05 0.84
C TYR A 18 3.20 -9.46 1.36
N PRO A 19 4.09 -10.19 0.67
CA PRO A 19 4.41 -11.57 1.10
C PRO A 19 4.84 -11.65 2.56
N GLY A 20 4.12 -12.46 3.33
CA GLY A 20 4.40 -12.62 4.75
C GLY A 20 3.96 -11.44 5.57
N ALA A 21 3.21 -10.53 4.95
CA ALA A 21 2.79 -9.30 5.62
C ALA A 21 1.41 -8.84 5.15
N PRO A 22 0.36 -9.28 5.86
CA PRO A 22 -1.03 -8.92 5.57
C PRO A 22 -1.30 -7.43 5.69
N ASP A 23 -0.47 -6.73 6.45
CA ASP A 23 -0.59 -5.28 6.59
C ASP A 23 0.78 -4.64 6.78
N LEU A 24 0.80 -3.31 6.80
CA LEU A 24 2.06 -2.57 6.85
C LEU A 24 2.80 -2.74 8.17
N ASP A 25 2.05 -2.87 9.27
CA ASP A 25 2.65 -3.07 10.58
C ASP A 25 3.47 -4.36 10.60
N THR A 26 2.90 -5.42 10.04
CA THR A 26 3.61 -6.70 9.95
C THR A 26 4.79 -6.57 9.01
N PHE A 27 4.60 -5.80 7.94
CA PHE A 27 5.64 -5.60 6.93
C PHE A 27 6.87 -4.96 7.56
N TRP A 28 6.65 -4.01 8.47
CA TRP A 28 7.76 -3.39 9.18
C TRP A 28 8.46 -4.37 10.09
N GLU A 29 7.69 -5.23 10.75
CA GLU A 29 8.26 -6.24 11.63
C GLU A 29 9.16 -7.18 10.85
N ASN A 30 8.68 -7.61 9.68
CA ASN A 30 9.47 -8.47 8.81
C ASN A 30 10.74 -7.79 8.32
N LEU A 31 10.60 -6.53 7.91
CA LEU A 31 11.73 -5.75 7.41
C LEU A 31 12.77 -5.52 8.50
N LEU A 32 12.28 -5.27 9.72
CA LEU A 32 13.17 -4.98 10.84
C LEU A 32 13.94 -6.23 11.26
N ALA A 33 13.27 -7.38 11.21
CA ALA A 33 13.88 -8.62 11.65
C ALA A 33 14.71 -9.28 10.53
N GLY A 34 14.76 -8.63 9.38
CA GLY A 34 15.51 -9.15 8.25
C GLY A 34 14.97 -10.47 7.77
N ARG A 35 13.64 -10.61 7.82
CA ARG A 35 12.99 -11.88 7.51
C ARG A 35 12.88 -12.11 6.01
N ASP A 36 13.10 -13.36 5.60
CA ASP A 36 12.93 -13.79 4.22
C ASP A 36 11.55 -14.41 4.06
N SER A 37 10.72 -13.83 3.19
CA SER A 37 9.34 -14.30 3.04
C SER A 37 9.12 -15.12 1.78
N ILE A 38 10.20 -15.55 1.15
CA ILE A 38 10.11 -16.36 -0.07
C ILE A 38 9.81 -17.81 0.27
N THR A 39 8.84 -18.39 -0.44
CA THR A 39 8.44 -19.78 -0.24
C THR A 39 8.31 -20.48 -1.58
N GLU A 40 8.09 -21.79 -1.54
CA GLU A 40 7.81 -22.56 -2.75
C GLU A 40 6.38 -22.31 -3.19
N ILE A 41 6.08 -22.64 -4.45
CA ILE A 41 4.74 -22.48 -4.99
C ILE A 41 3.73 -23.22 -4.13
N PRO A 42 2.73 -22.50 -3.61
CA PRO A 42 1.67 -23.11 -2.79
C PRO A 42 0.90 -24.16 -3.58
N ALA A 43 0.72 -25.34 -3.01
CA ALA A 43 0.08 -26.46 -3.68
C ALA A 43 -1.32 -26.13 -4.18
N GLY A 44 -1.98 -25.18 -3.52
CA GLY A 44 -3.32 -24.78 -3.91
C GLY A 44 -3.39 -24.13 -5.28
N ARG A 45 -2.39 -23.31 -5.60
CA ARG A 45 -2.34 -22.57 -6.86
C ARG A 45 -2.41 -23.50 -8.08
N TRP A 46 -1.42 -24.38 -8.20
CA TRP A 46 -1.40 -25.38 -9.27
C TRP A 46 -0.41 -26.49 -8.93
N ASP A 47 -0.45 -27.58 -9.68
CA ASP A 47 0.51 -28.65 -9.50
C ASP A 47 1.80 -28.32 -10.24
N HIS A 48 2.78 -27.82 -9.51
CA HIS A 48 4.00 -27.31 -10.12
C HIS A 48 4.93 -28.43 -10.59
N SER A 49 4.66 -29.65 -10.14
CA SER A 49 5.48 -30.79 -10.54
C SER A 49 5.29 -31.08 -12.04
N ARG A 50 4.20 -30.58 -12.60
CA ARG A 50 3.96 -30.72 -14.02
C ARG A 50 4.92 -29.84 -14.83
N TYR A 51 5.41 -28.77 -14.19
CA TYR A 51 6.21 -27.78 -14.90
C TYR A 51 7.67 -27.69 -14.43
N TYR A 52 7.95 -28.15 -13.22
CA TYR A 52 9.29 -27.95 -12.68
C TYR A 52 10.33 -28.88 -13.31
N ASP A 53 11.49 -28.31 -13.61
CA ASP A 53 12.65 -29.05 -14.08
C ASP A 53 13.88 -28.19 -13.82
N ALA A 54 14.82 -28.71 -13.04
CA ALA A 54 15.99 -27.94 -12.61
C ALA A 54 16.90 -27.52 -13.77
N ARG A 55 16.80 -28.23 -14.89
CA ARG A 55 17.60 -27.90 -16.06
C ARG A 55 17.07 -26.66 -16.78
N ARG A 56 17.91 -25.63 -16.85
CA ARG A 56 17.54 -24.36 -17.49
C ARG A 56 17.11 -24.54 -18.94
N GLY A 57 16.04 -23.86 -19.32
CA GLY A 57 15.65 -23.74 -20.72
C GLY A 57 15.02 -24.97 -21.36
N VAL A 58 14.62 -25.94 -20.54
CA VAL A 58 13.88 -27.09 -21.05
C VAL A 58 12.51 -26.65 -21.53
N PRO A 59 12.15 -27.00 -22.77
CA PRO A 59 10.86 -26.63 -23.36
C PRO A 59 9.67 -27.17 -22.55
N GLY A 60 8.73 -26.30 -22.23
CA GLY A 60 7.52 -26.69 -21.52
C GLY A 60 7.73 -26.84 -20.03
N ARG A 61 8.90 -26.42 -19.56
CA ARG A 61 9.25 -26.54 -18.15
C ARG A 61 9.80 -25.23 -17.59
N THR A 62 10.07 -25.23 -16.29
CA THR A 62 10.69 -24.08 -15.63
C THR A 62 11.59 -24.56 -14.50
N TYR A 63 12.66 -23.81 -14.23
CA TYR A 63 13.62 -24.20 -13.21
C TYR A 63 13.42 -23.40 -11.92
N SER A 64 12.42 -22.54 -11.93
CA SER A 64 12.05 -21.80 -10.73
C SER A 64 10.82 -22.39 -10.08
N LYS A 65 10.84 -22.51 -8.75
CA LYS A 65 9.69 -23.04 -8.02
C LYS A 65 9.43 -22.22 -6.76
N TRP A 66 9.91 -20.98 -6.76
CA TRP A 66 9.78 -20.11 -5.59
C TRP A 66 9.02 -18.84 -5.92
N GLY A 67 8.59 -18.14 -4.88
CA GLY A 67 7.91 -16.86 -5.05
C GLY A 67 7.51 -16.22 -3.74
N GLY A 68 7.24 -14.91 -3.80
CA GLY A 68 6.68 -14.21 -2.67
C GLY A 68 5.17 -14.20 -2.83
N PHE A 69 4.48 -14.95 -1.98
CA PHE A 69 3.05 -15.17 -2.17
C PHE A 69 2.18 -14.56 -1.09
N LEU A 70 1.04 -14.01 -1.49
CA LEU A 70 0.02 -13.59 -0.56
C LEU A 70 -0.76 -14.81 -0.09
N ASP A 71 -1.60 -14.64 0.93
CA ASP A 71 -2.46 -15.73 1.38
C ASP A 71 -3.92 -15.43 1.06
N GLY A 72 -4.60 -16.42 0.50
CA GLY A 72 -6.02 -16.29 0.20
C GLY A 72 -6.35 -15.18 -0.78
N ILE A 73 -5.75 -15.26 -1.98
CA ILE A 73 -6.01 -14.25 -3.01
C ILE A 73 -7.38 -14.46 -3.64
N ASP A 74 -8.04 -15.56 -3.28
CA ASP A 74 -9.39 -15.82 -3.76
C ASP A 74 -10.44 -15.36 -2.75
N GLU A 75 -9.99 -14.89 -1.60
CA GLU A 75 -10.89 -14.38 -0.56
C GLU A 75 -11.36 -12.97 -0.91
N PHE A 76 -12.66 -12.73 -0.72
CA PHE A 76 -13.25 -11.46 -1.12
C PHE A 76 -14.58 -11.22 -0.42
N ASP A 77 -14.96 -9.96 -0.27
CA ASP A 77 -16.21 -9.58 0.37
C ASP A 77 -17.10 -8.82 -0.60
N PRO A 78 -17.70 -9.53 -1.57
CA PRO A 78 -18.46 -8.88 -2.65
C PRO A 78 -19.66 -8.06 -2.18
N LEU A 79 -20.39 -8.54 -1.17
CA LEU A 79 -21.56 -7.82 -0.66
C LEU A 79 -21.17 -6.46 -0.11
N PHE A 80 -19.98 -6.39 0.47
CA PHE A 80 -19.46 -5.13 0.99
C PHE A 80 -19.34 -4.10 -0.13
N PHE A 81 -18.95 -4.55 -1.31
CA PHE A 81 -18.71 -3.65 -2.43
C PHE A 81 -19.87 -3.60 -3.43
N GLY A 82 -21.01 -4.17 -3.04
CA GLY A 82 -22.18 -4.15 -3.89
C GLY A 82 -21.98 -4.94 -5.16
N ILE A 83 -21.14 -5.96 -5.08
CA ILE A 83 -20.89 -6.85 -6.21
C ILE A 83 -21.55 -8.20 -5.95
N SER A 84 -22.24 -8.72 -6.96
CA SER A 84 -22.91 -10.01 -6.82
C SER A 84 -21.86 -11.12 -6.67
N PRO A 85 -22.10 -12.06 -5.75
CA PRO A 85 -21.20 -13.19 -5.50
C PRO A 85 -20.91 -13.99 -6.76
N LYS A 86 -21.88 -14.08 -7.68
CA LYS A 86 -21.68 -14.78 -8.93
C LYS A 86 -20.65 -14.06 -9.79
N ALA A 87 -20.70 -12.73 -9.78
CA ALA A 87 -19.78 -11.91 -10.57
C ALA A 87 -18.37 -11.96 -10.00
N ALA A 88 -18.28 -12.11 -8.67
CA ALA A 88 -16.99 -12.15 -8.00
C ALA A 88 -16.16 -13.35 -8.44
N SER A 89 -16.82 -14.47 -8.72
CA SER A 89 -16.14 -15.71 -9.07
C SER A 89 -15.30 -15.59 -10.34
N THR A 90 -15.78 -14.81 -11.31
CA THR A 90 -15.08 -14.67 -12.58
C THR A 90 -14.34 -13.34 -12.67
N ASP A 92 -11.32 -10.83 -11.86
CA ASP A 92 -9.88 -10.90 -11.64
C ASP A 92 -9.53 -10.55 -10.19
N PRO A 93 -8.85 -11.48 -9.49
CA PRO A 93 -8.40 -11.30 -8.11
C PRO A 93 -7.65 -9.98 -7.89
N GLN A 94 -6.96 -9.50 -8.92
CA GLN A 94 -6.25 -8.23 -8.82
C GLN A 94 -7.22 -7.07 -8.61
N GLU A 95 -8.35 -7.10 -9.31
CA GLU A 95 -9.40 -6.11 -9.11
C GLU A 95 -9.98 -6.23 -7.70
N ARG A 96 -10.20 -7.47 -7.27
CA ARG A 96 -10.79 -7.72 -5.96
C ARG A 96 -9.90 -7.21 -4.84
N LEU A 97 -8.61 -7.53 -4.89
CA LEU A 97 -7.69 -7.15 -3.84
C LEU A 97 -7.39 -5.66 -3.83
N PHE A 98 -7.48 -5.02 -4.99
CA PHE A 98 -7.21 -3.59 -5.07
C PHE A 98 -8.39 -2.80 -4.51
N LEU A 99 -9.59 -3.33 -4.71
CA LEU A 99 -10.78 -2.76 -4.08
C LEU A 99 -10.62 -2.70 -2.57
N GLN A 100 -10.21 -3.82 -1.99
CA GLN A 100 -10.03 -3.91 -0.54
C GLN A 100 -8.86 -3.02 -0.07
N CYS A 101 -7.82 -2.97 -0.90
CA CYS A 101 -6.69 -2.09 -0.64
C CYS A 101 -7.10 -0.62 -0.65
N ALA A 102 -7.94 -0.25 -1.61
CA ALA A 102 -8.43 1.12 -1.72
C ALA A 102 -9.18 1.55 -0.47
N HIS A 103 -10.07 0.69 0.01
CA HIS A 103 -10.85 1.01 1.20
C HIS A 103 -9.97 1.15 2.43
N THR A 104 -9.06 0.19 2.61
CA THR A 104 -8.15 0.22 3.76
C THR A 104 -7.31 1.48 3.76
N THR A 105 -6.98 2.00 2.58
CA THR A 105 -6.17 3.21 2.47
C THR A 105 -6.95 4.43 2.94
N LEU A 106 -8.24 4.47 2.61
CA LEU A 106 -9.09 5.57 3.06
C LEU A 106 -9.24 5.52 4.58
N GLU A 107 -9.37 4.32 5.12
CA GLU A 107 -9.53 4.17 6.56
C GLU A 107 -8.25 4.54 7.30
N ASP A 108 -7.10 4.24 6.71
CA ASP A 108 -5.82 4.62 7.28
C ASP A 108 -5.68 6.14 7.26
N ALA A 109 -6.22 6.76 6.22
CA ALA A 109 -6.17 8.21 6.07
C ALA A 109 -7.16 8.89 7.00
N GLY A 110 -8.13 8.14 7.49
CA GLY A 110 -9.15 8.69 8.37
C GLY A 110 -10.21 9.42 7.58
N TYR A 111 -10.56 8.87 6.43
CA TYR A 111 -11.58 9.46 5.58
C TYR A 111 -12.65 8.45 5.19
N SER A 112 -13.92 8.85 5.31
CA SER A 112 -15.00 8.12 4.68
C SER A 112 -15.08 8.56 3.23
N ARG A 113 -15.82 7.81 2.42
CA ARG A 113 -16.00 8.16 1.01
C ARG A 113 -16.54 9.58 0.85
N GLY A 114 -17.63 9.89 1.55
CA GLY A 114 -18.25 11.19 1.46
C GLY A 114 -17.36 12.32 1.92
N ALA A 115 -16.67 12.10 3.03
CA ALA A 115 -15.79 13.11 3.58
C ALA A 115 -14.63 13.40 2.63
N LEU A 116 -14.07 12.34 2.05
CA LEU A 116 -12.95 12.48 1.13
C LEU A 116 -13.35 13.29 -0.10
N ARG A 117 -14.53 13.00 -0.65
CA ARG A 117 -15.01 13.76 -1.81
C ARG A 117 -15.20 15.24 -1.48
N ALA A 118 -15.79 15.51 -0.32
CA ALA A 118 -16.01 16.90 0.11
C ALA A 118 -14.70 17.66 0.25
N ALA A 119 -13.71 17.03 0.89
CA ALA A 119 -12.42 17.66 1.10
C ALA A 119 -11.70 17.91 -0.22
N ALA A 120 -11.85 16.99 -1.16
CA ALA A 120 -11.20 17.08 -2.45
C ALA A 120 -11.86 18.14 -3.34
N ARG A 121 -13.19 18.12 -3.37
CA ARG A 121 -13.98 19.02 -4.21
C ARG A 121 -13.72 20.49 -3.89
N ALA A 122 -13.42 20.78 -2.62
CA ALA A 122 -13.24 22.16 -2.17
C ALA A 122 -11.91 22.76 -2.65
N ARG A 123 -11.01 21.93 -3.17
CA ARG A 123 -9.68 22.39 -3.51
C ARG A 123 -9.47 22.56 -5.01
N VAL A 124 -10.46 22.17 -5.81
CA VAL A 124 -10.36 22.25 -7.27
C VAL A 124 -11.53 23.01 -7.89
N ALA A 125 -11.45 23.24 -9.19
CA ALA A 125 -12.49 23.97 -9.91
C ALA A 125 -13.81 23.21 -9.95
N GLU A 126 -14.85 23.86 -10.45
CA GLU A 126 -16.20 23.32 -10.44
C GLU A 126 -16.30 21.97 -11.16
N ASP A 127 -15.84 21.94 -12.40
CA ASP A 127 -15.98 20.75 -13.24
C ASP A 127 -14.78 19.82 -13.13
N ALA A 128 -13.88 20.11 -12.19
CA ALA A 128 -12.74 19.24 -11.94
C ALA A 128 -13.16 18.06 -11.07
N GLY A 129 -12.48 16.93 -11.23
CA GLY A 129 -12.81 15.73 -10.46
C GLY A 129 -12.43 15.88 -9.01
N ASP A 130 -13.02 15.04 -8.16
CA ASP A 130 -12.69 15.05 -6.74
C ASP A 130 -11.56 14.06 -6.43
N ILE A 131 -11.84 12.78 -6.62
CA ILE A 131 -10.88 11.72 -6.33
C ILE A 131 -10.39 11.05 -7.61
N GLY A 132 -9.07 11.00 -7.80
CA GLY A 132 -8.49 10.32 -8.94
C GLY A 132 -7.94 8.96 -8.56
N VAL A 133 -7.99 8.02 -9.50
CA VAL A 133 -7.49 6.67 -9.23
C VAL A 133 -6.49 6.25 -10.30
N PHE A 134 -5.26 6.00 -9.87
CA PHE A 134 -4.17 5.65 -10.77
C PHE A 134 -3.55 4.33 -10.35
N ALA A 135 -3.82 3.29 -11.12
CA ALA A 135 -3.38 1.94 -10.77
C ALA A 135 -2.33 1.43 -11.73
N GLY A 136 -1.35 0.70 -11.21
CA GLY A 136 -0.35 0.07 -12.04
C GLY A 136 -0.48 -1.44 -12.00
N ALA A 137 -0.54 -2.06 -13.18
CA ALA A 137 -0.61 -3.50 -13.30
C ALA A 137 -0.11 -3.92 -14.68
N TYR A 139 -0.15 -7.75 -15.65
CA TYR A 139 -0.59 -9.10 -16.02
C TYR A 139 -2.10 -9.24 -16.03
N SER A 140 -2.61 -9.97 -17.02
CA SER A 140 -4.01 -10.36 -17.07
C SER A 140 -4.12 -11.86 -17.22
N GLU A 141 -3.72 -12.59 -16.18
CA GLU A 141 -3.57 -14.04 -16.26
C GLU A 141 -4.84 -14.83 -15.96
N TYR A 142 -5.70 -14.29 -15.10
CA TYR A 142 -6.94 -14.96 -14.71
C TYR A 142 -7.72 -15.37 -15.95
N GLN A 143 -7.77 -14.44 -16.90
CA GLN A 143 -8.31 -14.65 -18.24
C GLN A 143 -7.97 -16.00 -18.87
N LEU A 144 -6.73 -16.45 -18.67
CA LEU A 144 -6.23 -17.68 -19.30
C LEU A 144 -6.98 -18.92 -18.83
N TYR A 145 -7.43 -18.91 -17.59
CA TYR A 145 -8.16 -20.04 -17.04
C TYR A 145 -9.45 -20.28 -17.80
N GLY A 146 -10.15 -19.20 -18.12
CA GLY A 146 -11.40 -19.28 -18.84
C GLY A 146 -11.24 -19.89 -20.22
N ALA A 147 -10.12 -19.56 -20.87
CA ALA A 147 -9.82 -20.09 -22.20
C ALA A 147 -9.45 -21.57 -22.13
N GLU A 148 -8.70 -21.93 -21.10
CA GLU A 148 -8.29 -23.32 -20.89
C GLU A 148 -9.51 -24.19 -20.61
N TYR A 149 -10.50 -23.60 -19.95
CA TYR A 149 -11.73 -24.30 -19.65
C TYR A 149 -12.59 -24.44 -20.90
N SER A 150 -12.70 -23.35 -21.65
CA SER A 150 -13.61 -23.28 -22.79
C SER A 150 -13.25 -24.23 -23.92
N VAL A 151 -11.97 -24.53 -24.08
CA VAL A 151 -11.52 -25.38 -25.18
C VAL A 151 -11.96 -26.83 -24.95
N ARG A 152 -11.86 -27.30 -23.72
CA ARG A 152 -12.20 -28.69 -23.41
C ARG A 152 -13.53 -28.79 -22.66
N GLY A 153 -14.43 -27.85 -22.89
CA GLY A 153 -15.72 -27.83 -22.22
C GLY A 153 -16.62 -26.69 -22.65
N GLU A 154 -17.55 -26.30 -21.77
CA GLU A 154 -18.48 -25.23 -22.09
C GLU A 154 -17.82 -23.87 -21.91
N PRO A 155 -17.91 -23.02 -22.94
CA PRO A 155 -17.30 -21.69 -22.96
C PRO A 155 -17.70 -20.83 -21.75
N VAL A 156 -16.70 -20.37 -21.00
CA VAL A 156 -16.93 -19.53 -19.84
C VAL A 156 -16.25 -18.16 -20.05
N VAL A 157 -16.91 -17.10 -19.61
CA VAL A 157 -16.40 -15.75 -19.80
C VAL A 157 -15.60 -15.27 -18.59
N VAL A 158 -14.29 -15.09 -18.78
CA VAL A 158 -13.45 -14.49 -17.75
C VAL A 158 -12.73 -13.27 -18.32
N PRO A 159 -13.23 -12.06 -17.99
CA PRO A 159 -12.69 -10.80 -18.49
C PRO A 159 -11.21 -10.60 -18.16
N GLY A 160 -10.53 -9.82 -18.99
CA GLY A 160 -9.13 -9.51 -18.77
C GLY A 160 -8.83 -8.04 -19.03
N SER A 161 -9.59 -7.16 -18.37
CA SER A 161 -9.41 -5.72 -18.56
C SER A 161 -8.67 -5.09 -17.38
N LEU A 162 -7.45 -4.64 -17.63
CA LEU A 162 -6.64 -4.00 -16.61
C LEU A 162 -7.26 -2.69 -16.13
N ALA A 163 -8.02 -2.05 -17.01
CA ALA A 163 -8.69 -0.79 -16.68
C ALA A 163 -9.67 -0.96 -15.52
N SER A 164 -10.23 -2.17 -15.40
CA SER A 164 -11.22 -2.44 -14.37
C SER A 164 -10.65 -2.25 -12.98
N ILE A 165 -9.35 -2.50 -12.83
CA ILE A 165 -8.68 -2.33 -11.56
C ILE A 165 -8.88 -0.91 -11.02
N ALA A 166 -8.70 0.08 -11.88
CA ALA A 166 -8.89 1.47 -11.49
C ALA A 166 -10.36 1.87 -11.56
N ASN A 167 -11.06 1.37 -12.56
CA ASN A 167 -12.44 1.77 -12.81
C ASN A 167 -13.41 1.29 -11.72
N ARG A 168 -13.19 0.09 -11.18
CA ARG A 168 -14.08 -0.44 -10.15
C ARG A 168 -13.91 0.32 -8.84
N VAL A 169 -12.69 0.77 -8.56
CA VAL A 169 -12.44 1.57 -7.38
C VAL A 169 -13.16 2.92 -7.51
N SER A 170 -12.98 3.57 -8.66
CA SER A 170 -13.64 4.83 -8.94
C SER A 170 -15.15 4.70 -8.82
N TYR A 171 -15.68 3.61 -9.36
CA TYR A 171 -17.11 3.34 -9.29
C TYR A 171 -17.56 3.19 -7.84
N PHE A 172 -16.80 2.40 -7.07
CA PHE A 172 -17.13 2.14 -5.68
C PHE A 172 -17.04 3.39 -4.82
N LEU A 173 -16.00 4.19 -5.04
CA LEU A 173 -15.76 5.40 -4.26
C LEU A 173 -16.66 6.55 -4.69
N ASP A 174 -17.42 6.35 -5.76
CA ASP A 174 -18.13 7.42 -6.43
C ASP A 174 -17.14 8.55 -6.73
N ALA A 175 -15.99 8.18 -7.29
CA ALA A 175 -14.96 9.16 -7.64
C ALA A 175 -15.19 9.73 -9.03
N SER A 176 -14.94 11.03 -9.18
CA SER A 176 -15.18 11.69 -10.45
C SER A 176 -13.89 12.18 -11.10
N GLY A 177 -12.76 11.88 -10.50
CA GLY A 177 -11.47 12.26 -11.07
C GLY A 177 -11.05 11.30 -12.14
N PRO A 178 -9.83 11.47 -12.68
CA PRO A 178 -9.29 10.53 -13.67
C PRO A 178 -9.22 9.11 -13.12
N SER A 179 -9.64 8.14 -13.92
CA SER A 179 -9.57 6.74 -13.53
C SER A 179 -8.74 5.99 -14.57
N VAL A 180 -7.50 5.67 -14.19
CA VAL A 180 -6.53 5.18 -15.15
C VAL A 180 -5.71 3.99 -14.63
N THR A 181 -5.60 2.95 -15.45
CA THR A 181 -4.63 1.91 -15.18
C THR A 181 -3.49 2.03 -16.17
N VAL A 182 -2.26 2.07 -15.66
CA VAL A 182 -1.10 2.18 -16.53
C VAL A 182 -0.23 0.94 -16.47
N ASP A 183 0.33 0.58 -17.62
CA ASP A 183 1.26 -0.53 -17.69
C ASP A 183 2.60 -0.04 -18.24
N THR A 184 3.62 -0.06 -17.38
CA THR A 184 4.99 0.15 -17.79
C THR A 184 5.83 -0.96 -17.19
N CYS A 186 7.54 -3.31 -14.70
CA CYS A 186 8.08 -3.23 -13.34
C CYS A 186 7.96 -1.83 -12.74
N ALA A 187 7.86 -0.82 -13.59
CA ALA A 187 7.80 0.56 -13.13
C ALA A 187 6.37 1.10 -13.03
N SER A 188 5.39 0.20 -13.16
CA SER A 188 3.99 0.62 -13.26
C SER A 188 3.50 1.44 -12.07
N ALA A 189 3.71 0.94 -10.85
CA ALA A 189 3.22 1.63 -9.66
C ALA A 189 3.81 3.03 -9.52
N LEU A 190 5.11 3.15 -9.78
CA LEU A 190 5.77 4.44 -9.70
C LEU A 190 5.32 5.36 -10.82
N SER A 191 4.97 4.77 -11.96
CA SER A 191 4.46 5.55 -13.08
C SER A 191 3.07 6.09 -12.75
N ALA A 192 2.28 5.29 -12.04
CA ALA A 192 0.96 5.71 -11.61
C ALA A 192 1.06 6.89 -10.64
N ILE A 193 1.98 6.78 -9.69
CA ILE A 193 2.24 7.84 -8.74
C ILE A 193 2.68 9.11 -9.47
N HIS A 194 3.54 8.93 -10.47
CA HIS A 194 3.99 10.04 -11.29
C HIS A 194 2.83 10.78 -11.94
N LEU A 195 1.93 10.02 -12.57
CA LEU A 195 0.78 10.61 -13.23
C LEU A 195 -0.19 11.22 -12.23
N ALA A 196 -0.33 10.57 -11.07
CA ALA A 196 -1.19 11.08 -10.01
C ALA A 196 -0.70 12.43 -9.51
N CYS A 197 0.60 12.54 -9.28
CA CYS A 197 1.18 13.79 -8.80
C CYS A 197 1.03 14.91 -9.82
N ALA A 198 1.13 14.55 -11.10
CA ALA A 198 0.96 15.51 -12.18
C ALA A 198 -0.47 16.03 -12.23
N ALA A 199 -1.42 15.12 -12.04
CA ALA A 199 -2.83 15.46 -12.06
C ALA A 199 -3.19 16.40 -10.90
N LEU A 200 -2.64 16.11 -9.73
CA LEU A 200 -2.86 16.94 -8.56
C LEU A 200 -2.25 18.33 -8.74
N GLN A 201 -1.03 18.37 -9.25
CA GLN A 201 -0.33 19.63 -9.51
C GLN A 201 -1.08 20.47 -10.53
N ARG A 202 -1.71 19.80 -11.48
CA ARG A 202 -2.41 20.46 -12.58
C ARG A 202 -3.83 20.87 -12.18
N GLY A 203 -4.34 20.28 -11.10
CA GLY A 203 -5.65 20.60 -10.61
C GLY A 203 -6.76 19.76 -11.22
N GLU A 204 -6.38 18.61 -11.78
CA GLU A 204 -7.36 17.72 -12.40
C GLU A 204 -8.23 17.02 -11.35
N CYS A 205 -7.69 16.88 -10.15
CA CYS A 205 -8.46 16.35 -9.03
C CYS A 205 -7.88 16.84 -7.71
N GLY A 206 -8.68 16.77 -6.64
CA GLY A 206 -8.27 17.25 -5.34
C GLY A 206 -7.41 16.26 -4.59
N VAL A 207 -7.82 15.00 -4.61
CA VAL A 207 -7.02 13.94 -4.02
C VAL A 207 -6.83 12.84 -5.05
N ALA A 208 -5.84 11.98 -4.84
CA ALA A 208 -5.57 10.92 -5.78
C ALA A 208 -5.14 9.64 -5.08
N LEU A 209 -5.79 8.55 -5.44
CA LEU A 209 -5.37 7.24 -5.01
C LEU A 209 -4.40 6.66 -6.04
N ALA A 210 -3.19 6.34 -5.60
CA ALA A 210 -2.19 5.78 -6.49
C ALA A 210 -1.60 4.51 -5.90
N GLY A 211 -1.47 3.47 -6.72
CA GLY A 211 -0.91 2.22 -6.26
C GLY A 211 -0.71 1.20 -7.36
N GLY A 212 -0.28 0.01 -6.98
CA GLY A 212 -0.03 -1.06 -7.92
C GLY A 212 -0.49 -2.40 -7.38
N VAL A 213 -0.75 -3.34 -8.27
CA VAL A 213 -1.17 -4.67 -7.89
C VAL A 213 -0.51 -5.70 -8.79
N ASN A 214 -0.05 -6.80 -8.20
CA ASN A 214 0.55 -7.88 -8.97
C ASN A 214 0.36 -9.23 -8.29
N LEU A 215 -0.27 -10.16 -9.01
CA LEU A 215 -0.52 -11.50 -8.48
C LEU A 215 0.05 -12.57 -9.40
N SER A 216 0.35 -13.73 -8.82
CA SER A 216 0.83 -14.86 -9.60
C SER A 216 -0.21 -15.98 -9.56
N VAL A 217 -1.22 -15.87 -10.40
CA VAL A 217 -2.38 -16.77 -10.33
C VAL A 217 -2.31 -17.93 -11.32
N HIS A 218 -1.31 -17.88 -12.21
CA HIS A 218 -1.23 -18.85 -13.30
C HIS A 218 0.22 -19.31 -13.51
N PRO A 219 0.41 -20.59 -13.86
CA PRO A 219 1.76 -21.12 -14.04
C PRO A 219 2.49 -20.54 -15.25
N GLY A 220 1.76 -19.93 -16.17
CA GLY A 220 2.34 -19.38 -17.39
C GLY A 220 3.51 -18.45 -17.17
N LYS A 221 3.38 -17.58 -16.17
CA LYS A 221 4.44 -16.63 -15.83
C LYS A 221 5.75 -17.35 -15.53
N TYR A 222 5.65 -18.51 -14.89
CA TYR A 222 6.82 -19.27 -14.51
C TYR A 222 7.44 -20.00 -15.70
N LEU A 223 6.60 -20.47 -16.61
CA LEU A 223 7.09 -21.09 -17.85
C LEU A 223 7.79 -20.04 -18.70
N ILE A 225 9.47 -17.08 -17.50
CA ILE A 225 10.75 -16.69 -16.92
C ILE A 225 11.75 -17.85 -16.98
N GLY A 226 11.24 -19.06 -17.20
CA GLY A 226 12.09 -20.21 -17.37
C GLY A 226 12.67 -20.26 -18.76
N GLU A 227 11.81 -19.97 -19.74
CA GLU A 227 12.24 -19.96 -21.14
C GLU A 227 13.20 -18.81 -21.40
N GLY A 228 12.87 -17.63 -20.88
CA GLY A 228 13.69 -16.45 -21.08
C GLY A 228 14.87 -16.38 -20.14
N GLN A 229 14.96 -17.36 -19.23
CA GLN A 229 16.05 -17.44 -18.26
C GLN A 229 16.14 -16.20 -17.38
N PHE A 230 14.99 -15.58 -17.09
CA PHE A 230 14.95 -14.42 -16.22
C PHE A 230 14.95 -14.84 -14.75
N ALA A 231 14.61 -16.10 -14.50
CA ALA A 231 14.48 -16.59 -13.12
C ALA A 231 15.84 -16.93 -12.52
N SER A 232 15.98 -16.68 -11.23
CA SER A 232 17.20 -17.06 -10.50
C SER A 232 17.14 -18.53 -10.09
N SER A 233 18.30 -19.17 -10.04
CA SER A 233 18.38 -20.60 -9.77
C SER A 233 17.99 -20.97 -8.34
N ASP A 234 18.00 -19.98 -7.45
CA ASP A 234 17.74 -20.24 -6.03
C ASP A 234 16.47 -19.55 -5.53
N GLY A 235 15.71 -18.97 -6.45
CA GLY A 235 14.45 -18.32 -6.12
C GLY A 235 14.60 -17.15 -5.17
N ARG A 236 15.70 -16.43 -5.31
CA ARG A 236 15.96 -15.27 -4.48
C ARG A 236 16.38 -14.07 -5.32
N CYS A 237 16.07 -12.88 -4.83
CA CYS A 237 16.62 -11.67 -5.40
C CYS A 237 17.82 -11.22 -4.58
N ARG A 238 19.00 -11.69 -4.96
CA ARG A 238 20.23 -11.32 -4.27
C ARG A 238 20.62 -9.90 -4.64
N SER A 239 19.92 -8.92 -4.07
CA SER A 239 20.14 -7.52 -4.38
C SER A 239 21.57 -7.10 -4.13
N PHE A 240 22.32 -6.89 -5.22
CA PHE A 240 23.71 -6.47 -5.18
C PHE A 240 24.60 -7.50 -4.47
N GLY A 241 24.14 -8.75 -4.45
CA GLY A 241 24.91 -9.82 -3.85
C GLY A 241 25.60 -10.68 -4.90
N GLU A 242 26.60 -11.44 -4.48
CA GLU A 242 27.32 -12.32 -5.39
C GLU A 242 26.48 -13.54 -5.73
N GLY A 243 26.50 -13.93 -7.00
CA GLY A 243 25.81 -15.13 -7.44
C GLY A 243 24.36 -14.93 -7.86
N GLY A 244 23.95 -13.67 -7.95
CA GLY A 244 22.60 -13.35 -8.40
C GLY A 244 22.47 -13.59 -9.89
N ASP A 245 21.63 -14.54 -10.27
CA ASP A 245 21.49 -14.91 -11.68
C ASP A 245 20.04 -14.84 -12.15
N GLY A 246 19.31 -13.85 -11.64
CA GLY A 246 17.92 -13.67 -12.00
C GLY A 246 17.11 -13.16 -10.83
N TYR A 247 15.78 -13.21 -10.96
CA TYR A 247 14.92 -12.76 -9.88
C TYR A 247 13.89 -13.83 -9.51
N VAL A 248 13.13 -13.56 -8.46
CA VAL A 248 12.02 -14.42 -8.08
C VAL A 248 10.76 -13.55 -8.00
N PRO A 249 9.70 -13.97 -8.70
CA PRO A 249 8.47 -13.15 -8.73
C PRO A 249 7.77 -13.11 -7.38
N GLY A 250 7.10 -12.00 -7.10
CA GLY A 250 6.38 -11.84 -5.85
C GLY A 250 5.02 -11.21 -6.04
N GLU A 251 4.10 -11.50 -5.12
CA GLU A 251 2.75 -10.93 -5.15
C GLU A 251 2.64 -9.74 -4.21
N GLY A 252 1.77 -8.80 -4.54
CA GLY A 252 1.58 -7.64 -3.69
C GLY A 252 0.51 -6.67 -4.15
N VAL A 253 -0.14 -6.03 -3.18
CA VAL A 253 -1.11 -4.98 -3.46
C VAL A 253 -0.87 -3.82 -2.52
N GLY A 254 -0.76 -2.61 -3.07
CA GLY A 254 -0.52 -1.44 -2.24
C GLY A 254 -1.08 -0.18 -2.86
N ALA A 255 -1.29 0.84 -2.02
CA ALA A 255 -1.80 2.12 -2.50
C ALA A 255 -1.49 3.25 -1.53
N VAL A 256 -1.44 4.47 -2.05
CA VAL A 256 -1.31 5.66 -1.22
C VAL A 256 -2.37 6.67 -1.61
N LEU A 257 -2.83 7.45 -0.63
CA LEU A 257 -3.72 8.56 -0.90
C LEU A 257 -2.89 9.83 -0.99
N LEU A 258 -2.92 10.48 -2.15
CA LEU A 258 -2.06 11.64 -2.39
C LEU A 258 -2.84 12.94 -2.38
N ARG A 259 -2.18 14.02 -1.97
CA ARG A 259 -2.83 15.30 -1.78
C ARG A 259 -1.79 16.42 -1.69
N PRO A 260 -2.10 17.60 -2.27
CA PRO A 260 -1.22 18.77 -2.11
C PRO A 260 -0.98 19.08 -0.64
N LEU A 261 0.29 19.26 -0.28
CA LEU A 261 0.69 19.40 1.12
C LEU A 261 -0.08 20.48 1.87
N ALA A 262 -0.31 21.61 1.21
CA ALA A 262 -1.03 22.73 1.83
C ALA A 262 -2.44 22.32 2.23
N ASP A 263 -3.10 21.55 1.38
CA ASP A 263 -4.47 21.11 1.63
C ASP A 263 -4.53 20.08 2.75
N ALA A 264 -3.54 19.20 2.81
CA ALA A 264 -3.48 18.20 3.87
C ALA A 264 -3.24 18.86 5.22
N VAL A 265 -2.29 19.80 5.25
CA VAL A 265 -1.98 20.54 6.47
C VAL A 265 -3.20 21.31 6.97
N ALA A 266 -3.90 21.97 6.05
CA ALA A 266 -5.07 22.77 6.38
C ALA A 266 -6.23 21.92 6.89
N ASP A 267 -6.28 20.66 6.48
CA ASP A 267 -7.37 19.76 6.82
C ASP A 267 -7.03 18.86 8.00
N GLY A 268 -5.85 19.06 8.58
CA GLY A 268 -5.42 18.28 9.73
C GLY A 268 -5.23 16.80 9.42
N ASP A 269 -4.86 16.50 8.18
CA ASP A 269 -4.63 15.11 7.78
C ASP A 269 -3.36 14.56 8.40
N ARG A 270 -3.29 13.23 8.49
CA ARG A 270 -2.04 12.56 8.78
C ARG A 270 -1.12 12.76 7.59
N ILE A 271 0.17 12.87 7.84
CA ILE A 271 1.13 13.02 6.74
C ILE A 271 2.27 12.03 6.92
N LEU A 272 2.22 10.96 6.14
CA LEU A 272 3.19 9.87 6.27
C LEU A 272 4.49 10.18 5.55
N GLY A 273 4.46 11.26 4.77
CA GLY A 273 5.62 11.69 4.01
C GLY A 273 5.21 12.64 2.91
N VAL A 274 6.19 13.22 2.23
CA VAL A 274 5.94 14.18 1.17
C VAL A 274 6.72 13.83 -0.09
N ILE A 275 6.02 13.70 -1.21
CA ILE A 275 6.67 13.47 -2.49
C ILE A 275 7.18 14.80 -3.04
N ARG A 276 8.48 14.93 -3.17
CA ARG A 276 9.10 16.18 -3.62
C ARG A 276 9.19 16.25 -5.14
N GLY A 277 9.41 15.10 -5.77
CA GLY A 277 9.56 15.05 -7.21
C GLY A 277 9.48 13.65 -7.79
N THR A 278 9.01 13.57 -9.03
CA THR A 278 8.96 12.29 -9.75
C THR A 278 9.49 12.50 -11.16
N ALA A 279 9.94 11.42 -11.79
CA ALA A 279 10.42 11.49 -13.16
C ALA A 279 10.25 10.15 -13.87
N VAL A 280 10.06 10.21 -15.17
CA VAL A 280 9.79 9.03 -15.98
C VAL A 280 10.44 9.14 -17.36
N ASN A 281 11.14 8.09 -17.80
CA ASN A 281 11.71 8.06 -19.14
C ASN A 281 11.84 6.65 -19.70
N HIS A 282 12.66 6.49 -20.73
CA HIS A 282 12.87 5.19 -21.35
C HIS A 282 14.32 4.99 -21.76
N GLY A 283 14.78 3.74 -21.71
CA GLY A 283 16.17 3.41 -21.96
C GLY A 283 16.63 3.54 -23.41
N GLY A 284 15.67 3.67 -24.33
CA GLY A 284 16.00 3.79 -25.73
C GLY A 284 16.46 2.48 -26.33
N HIS A 285 17.30 2.56 -27.36
CA HIS A 285 17.74 1.38 -28.07
C HIS A 285 19.03 0.80 -27.51
N THR A 286 18.90 -0.08 -26.53
CA THR A 286 20.04 -0.78 -25.97
C THR A 286 20.33 -2.03 -26.80
N HIS A 287 21.30 -2.83 -26.35
CA HIS A 287 21.74 -3.99 -27.12
C HIS A 287 20.76 -5.16 -27.04
N GLY A 288 19.65 -4.93 -26.35
CA GLY A 288 18.59 -5.92 -26.24
C GLY A 288 17.38 -5.28 -25.59
N PHE A 289 16.20 -5.78 -25.93
CA PHE A 289 14.95 -5.17 -25.46
C PHE A 289 14.89 -5.10 -23.94
N THR A 290 15.38 -6.14 -23.27
CA THR A 290 15.33 -6.20 -21.82
C THR A 290 16.65 -5.80 -21.17
N VAL A 291 17.52 -5.16 -21.94
CA VAL A 291 18.81 -4.69 -21.41
C VAL A 291 18.71 -3.25 -20.90
N PRO A 292 18.89 -3.05 -19.59
CA PRO A 292 18.79 -1.72 -18.96
C PRO A 292 19.89 -0.75 -19.40
N ASN A 293 19.58 0.53 -19.32
CA ASN A 293 20.48 1.59 -19.76
C ASN A 293 20.91 2.47 -18.59
N PRO A 294 22.20 2.41 -18.21
CA PRO A 294 22.68 3.16 -17.05
C PRO A 294 22.56 4.67 -17.22
N LEU A 295 22.74 5.15 -18.45
CA LEU A 295 22.65 6.58 -18.72
C LEU A 295 21.21 7.09 -18.61
N ALA A 296 20.26 6.24 -19.02
CA ALA A 296 18.86 6.60 -18.92
C ALA A 296 18.41 6.62 -17.46
N GLN A 297 18.92 5.67 -16.69
CA GLN A 297 18.62 5.61 -15.27
C GLN A 297 19.17 6.83 -14.56
N ALA A 298 20.37 7.23 -14.93
CA ALA A 298 21.00 8.40 -14.35
C ALA A 298 20.19 9.66 -14.68
N ALA A 299 19.66 9.70 -15.89
CA ALA A 299 18.90 10.85 -16.35
C ALA A 299 17.59 11.00 -15.60
N VAL A 300 16.86 9.90 -15.42
CA VAL A 300 15.56 9.96 -14.76
C VAL A 300 15.73 10.29 -13.29
N ILE A 301 16.83 9.85 -12.69
CA ILE A 301 17.11 10.12 -11.30
C ILE A 301 17.45 11.60 -11.09
N ARG A 302 18.28 12.15 -11.98
CA ARG A 302 18.60 13.58 -11.92
C ARG A 302 17.38 14.45 -12.19
N SER A 303 16.54 14.02 -13.12
CA SER A 303 15.34 14.78 -13.47
C SER A 303 14.39 14.90 -12.28
N ALA A 304 14.26 13.80 -11.53
CA ALA A 304 13.42 13.79 -10.35
C ALA A 304 14.01 14.70 -9.28
N TRP A 305 15.32 14.63 -9.12
CA TRP A 305 16.04 15.48 -8.17
C TRP A 305 15.85 16.96 -8.48
N ARG A 306 15.97 17.33 -9.75
CA ARG A 306 15.82 18.72 -10.16
C ARG A 306 14.40 19.22 -9.90
N ARG A 307 13.42 18.38 -10.23
CA ARG A 307 12.02 18.71 -10.01
C ARG A 307 11.72 18.80 -8.52
N ALA A 308 12.44 18.02 -7.72
CA ALA A 308 12.24 18.01 -6.28
C ALA A 308 12.93 19.19 -5.60
N GLY A 309 13.95 19.73 -6.27
CA GLY A 309 14.69 20.86 -5.74
C GLY A 309 15.52 20.48 -4.54
N VAL A 310 16.01 19.25 -4.51
CA VAL A 310 16.80 18.75 -3.39
C VAL A 310 18.29 18.78 -3.68
N ASP A 311 19.10 18.69 -2.64
CA ASP A 311 20.54 18.54 -2.76
C ASP A 311 20.89 17.07 -2.50
N PRO A 312 21.20 16.32 -3.57
CA PRO A 312 21.49 14.88 -3.53
C PRO A 312 22.48 14.47 -2.44
N ARG A 313 23.33 15.39 -2.00
CA ARG A 313 24.26 15.10 -0.91
C ARG A 313 23.49 14.80 0.38
N ASP A 314 22.28 15.34 0.48
CA ASP A 314 21.46 15.16 1.69
C ASP A 314 20.65 13.87 1.69
N ILE A 315 20.61 13.18 0.55
CA ILE A 315 19.89 11.91 0.45
C ILE A 315 20.42 10.92 1.47
N GLY A 316 19.54 10.45 2.35
CA GLY A 316 19.95 9.56 3.42
C GLY A 316 19.82 8.10 3.06
N CYS A 317 18.91 7.79 2.15
CA CYS A 317 18.65 6.40 1.80
C CYS A 317 18.10 6.28 0.37
N ILE A 318 18.58 5.28 -0.35
CA ILE A 318 18.04 4.94 -1.66
C ILE A 318 17.44 3.54 -1.65
N GLU A 319 16.15 3.45 -1.92
CA GLU A 319 15.50 2.15 -2.10
C GLU A 319 15.60 1.75 -3.57
N ALA A 320 16.55 0.88 -3.86
CA ALA A 320 16.90 0.55 -5.25
C ALA A 320 15.98 -0.50 -5.87
N HIS A 321 16.06 -0.59 -7.20
CA HIS A 321 15.38 -1.64 -7.94
C HIS A 321 15.89 -3.00 -7.45
N GLY A 322 17.19 -3.21 -7.60
CA GLY A 322 17.89 -4.35 -7.02
C GLY A 322 17.25 -5.72 -7.22
N THR A 323 17.11 -6.13 -8.48
CA THR A 323 16.45 -7.39 -8.78
C THR A 323 17.38 -8.60 -8.66
N GLY A 324 18.68 -8.35 -8.50
CA GLY A 324 19.65 -9.42 -8.34
C GLY A 324 20.06 -10.05 -9.66
N THR A 325 20.27 -9.20 -10.66
CA THR A 325 20.60 -9.65 -12.01
C THR A 325 22.11 -9.50 -12.27
N SER A 326 22.67 -10.43 -13.03
CA SER A 326 24.08 -10.37 -13.41
C SER A 326 24.46 -9.03 -14.02
N LEU A 327 23.65 -8.60 -14.99
CA LEU A 327 23.90 -7.33 -15.66
C LEU A 327 23.21 -6.17 -14.96
N GLY A 328 21.98 -6.42 -14.51
CA GLY A 328 21.14 -5.37 -13.96
C GLY A 328 21.67 -4.67 -12.73
N ASP A 329 22.14 -5.44 -11.75
CA ASP A 329 22.61 -4.87 -10.50
C ASP A 329 23.82 -3.95 -10.66
N PRO A 330 24.86 -4.37 -11.39
CA PRO A 330 25.99 -3.43 -11.56
C PRO A 330 25.59 -2.21 -12.39
N ILE A 331 24.66 -2.38 -13.32
CA ILE A 331 24.19 -1.29 -14.17
C ILE A 331 23.44 -0.25 -13.34
N GLU A 332 22.62 -0.70 -12.39
CA GLU A 332 21.87 0.21 -11.54
C GLU A 332 22.79 1.09 -10.70
N ILE A 333 23.85 0.49 -10.15
CA ILE A 333 24.81 1.25 -9.36
C ILE A 333 25.57 2.24 -10.22
N ALA A 334 25.90 1.82 -11.44
CA ALA A 334 26.55 2.69 -12.40
C ALA A 334 25.66 3.90 -12.70
N GLY A 335 24.36 3.66 -12.81
CA GLY A 335 23.40 4.71 -13.07
C GLY A 335 23.31 5.69 -11.92
N LEU A 336 23.26 5.16 -10.70
CA LEU A 336 23.20 5.98 -9.50
C LEU A 336 24.46 6.80 -9.32
N ASN A 337 25.62 6.19 -9.58
CA ASN A 337 26.90 6.87 -9.47
C ASN A 337 26.97 8.07 -10.41
N ALA A 338 26.52 7.87 -11.64
CA ALA A 338 26.50 8.95 -12.64
C ALA A 338 25.56 10.06 -12.20
N ALA A 339 24.48 9.70 -11.52
CA ALA A 339 23.52 10.68 -11.02
C ALA A 339 24.15 11.58 -9.97
N PHE A 340 24.73 10.97 -8.94
CA PHE A 340 25.32 11.71 -7.83
C PHE A 340 26.56 12.50 -8.26
N ALA A 341 27.28 12.01 -9.26
CA ALA A 341 28.55 12.61 -9.67
C ALA A 341 28.37 14.01 -10.25
N GLU A 342 27.15 14.34 -10.66
CA GLU A 342 26.86 15.66 -11.22
C GLU A 342 26.65 16.71 -10.14
N PHE A 343 26.76 16.31 -8.89
CA PHE A 343 26.48 17.21 -7.77
C PHE A 343 27.55 17.16 -6.68
N THR A 344 27.98 15.97 -6.31
CA THR A 344 29.00 15.82 -5.28
C THR A 344 29.98 14.70 -5.59
N ASP A 345 31.19 14.82 -5.07
CA ASP A 345 32.21 13.79 -5.20
C ASP A 345 32.33 12.99 -3.90
N ALA A 346 31.37 13.18 -3.01
CA ALA A 346 31.37 12.53 -1.70
C ALA A 346 31.20 11.01 -1.82
N ARG A 347 31.67 10.29 -0.82
CA ARG A 347 31.62 8.83 -0.83
C ARG A 347 31.03 8.26 0.46
N ASN A 348 30.19 7.23 0.30
CA ASN A 348 29.70 6.43 1.41
C ASN A 348 28.91 7.23 2.46
N PHE A 349 27.96 8.02 2.00
CA PHE A 349 27.14 8.82 2.92
C PHE A 349 25.67 8.39 2.86
N CYS A 350 25.33 7.63 1.83
CA CYS A 350 23.95 7.23 1.58
C CYS A 350 23.76 5.74 1.78
N ALA A 351 22.64 5.35 2.38
CA ALA A 351 22.32 3.95 2.56
C ALA A 351 21.62 3.42 1.32
N ILE A 352 21.77 2.12 1.06
CA ILE A 352 21.12 1.51 -0.09
C ILE A 352 20.74 0.06 0.20
N GLY A 353 19.63 -0.37 -0.38
CA GLY A 353 19.13 -1.72 -0.20
C GLY A 353 17.86 -1.92 -1.00
N SER A 354 17.33 -3.14 -0.99
CA SER A 354 16.10 -3.43 -1.73
C SER A 354 15.17 -4.36 -0.97
N ALA A 355 13.88 -4.02 -0.96
CA ALA A 355 12.88 -4.87 -0.33
C ALA A 355 12.71 -6.19 -1.08
N LYS A 356 13.15 -6.21 -2.34
CA LYS A 356 13.06 -7.42 -3.15
C LYS A 356 13.86 -8.56 -2.54
N SER A 357 14.87 -8.23 -1.74
CA SER A 357 15.64 -9.24 -1.04
C SER A 357 14.80 -9.87 0.08
N ASN A 358 13.72 -9.19 0.44
CA ASN A 358 12.81 -9.69 1.47
C ASN A 358 11.61 -10.43 0.89
N ILE A 359 10.96 -9.82 -0.10
CA ILE A 359 9.67 -10.29 -0.56
C ILE A 359 9.66 -10.69 -2.04
N GLY A 360 10.79 -10.49 -2.71
CA GLY A 360 10.90 -10.85 -4.11
C GLY A 360 10.54 -9.71 -5.04
N HIS A 361 10.45 -10.02 -6.33
CA HIS A 361 10.18 -9.02 -7.36
C HIS A 361 8.68 -8.90 -7.62
N LEU A 362 8.07 -7.87 -7.06
CA LEU A 362 6.62 -7.69 -7.15
C LEU A 362 6.20 -7.08 -8.49
N GLU A 363 7.19 -6.87 -9.36
CA GLU A 363 6.93 -6.40 -10.72
C GLU A 363 6.10 -5.11 -10.73
N SER A 364 4.88 -5.17 -11.25
CA SER A 364 4.05 -3.98 -11.39
C SER A 364 3.71 -3.33 -10.03
N ALA A 365 3.94 -4.06 -8.95
CA ALA A 365 3.69 -3.55 -7.61
C ALA A 365 4.98 -3.34 -6.82
N ALA A 366 6.12 -3.51 -7.49
CA ALA A 366 7.42 -3.42 -6.83
C ALA A 366 7.67 -2.03 -6.25
N GLY A 367 7.20 -1.01 -6.96
CA GLY A 367 7.42 0.37 -6.55
C GLY A 367 6.64 0.79 -5.31
N ILE A 368 5.43 0.26 -5.16
CA ILE A 368 4.59 0.66 -4.03
C ILE A 368 5.04 -0.05 -2.76
N ALA A 369 5.55 -1.27 -2.91
CA ALA A 369 6.15 -1.98 -1.79
C ALA A 369 7.46 -1.30 -1.39
N GLY A 370 8.19 -0.81 -2.39
CA GLY A 370 9.41 -0.08 -2.17
C GLY A 370 9.17 1.24 -1.47
N LEU A 371 8.10 1.91 -1.87
CA LEU A 371 7.71 3.17 -1.22
C LEU A 371 7.35 2.93 0.24
N ALA A 372 6.69 1.80 0.49
CA ALA A 372 6.31 1.43 1.86
C ALA A 372 7.54 1.26 2.74
N LYS A 373 8.52 0.52 2.26
CA LYS A 373 9.75 0.29 3.01
C LYS A 373 10.45 1.61 3.33
N LEU A 374 10.47 2.51 2.35
CA LEU A 374 11.15 3.79 2.51
C LEU A 374 10.43 4.66 3.54
N LEU A 375 9.11 4.77 3.41
CA LEU A 375 8.33 5.58 4.34
C LEU A 375 8.37 5.02 5.76
N LEU A 376 8.36 3.69 5.88
CA LEU A 376 8.40 3.04 7.18
C LEU A 376 9.76 3.25 7.86
N GLN A 377 10.82 3.26 7.07
CA GLN A 377 12.16 3.51 7.61
C GLN A 377 12.24 4.91 8.20
N ARG A 379 9.58 6.70 9.22
CA ARG A 379 8.62 6.79 10.31
C ARG A 379 9.23 6.33 11.64
N HIS A 380 10.03 5.27 11.57
CA HIS A 380 10.64 4.72 12.78
C HIS A 380 12.10 5.15 12.93
N GLY A 381 12.59 5.93 11.99
CA GLY A 381 13.95 6.41 12.02
C GLY A 381 14.96 5.28 12.10
N THR A 382 14.73 4.24 11.30
CA THR A 382 15.55 3.04 11.33
C THR A 382 15.81 2.49 9.94
N LEU A 383 17.07 2.22 9.64
CA LEU A 383 17.43 1.57 8.40
C LEU A 383 17.43 0.05 8.57
N VAL A 384 16.74 -0.63 7.67
CA VAL A 384 16.58 -2.08 7.77
C VAL A 384 17.54 -2.83 6.85
N PRO A 385 17.89 -4.07 7.22
CA PRO A 385 18.84 -4.88 6.44
C PRO A 385 18.41 -5.18 5.01
N SER A 386 19.39 -5.40 4.14
CA SER A 386 19.15 -5.92 2.81
C SER A 386 19.75 -7.33 2.73
N LEU A 387 18.94 -8.28 2.30
CA LEU A 387 19.29 -9.70 2.43
C LEU A 387 20.10 -10.26 1.26
N HIS A 388 20.71 -11.42 1.50
CA HIS A 388 21.41 -12.20 0.47
C HIS A 388 22.58 -11.45 -0.16
N ALA A 389 23.25 -10.62 0.64
CA ALA A 389 24.39 -9.88 0.15
C ALA A 389 25.51 -9.83 1.18
N GLU A 390 25.71 -10.96 1.87
CA GLU A 390 26.80 -11.08 2.84
C GLU A 390 28.13 -10.80 2.14
N ARG A 391 28.24 -11.30 0.92
CA ARG A 391 29.33 -10.94 0.03
C ARG A 391 28.73 -10.21 -1.18
N VAL A 392 29.25 -9.03 -1.46
CA VAL A 392 28.70 -8.17 -2.50
C VAL A 392 29.14 -8.63 -3.89
N ASN A 393 28.29 -8.41 -4.89
CA ASN A 393 28.62 -8.66 -6.29
C ASN A 393 29.99 -8.11 -6.65
N PRO A 394 30.89 -8.98 -7.12
CA PRO A 394 32.28 -8.65 -7.46
C PRO A 394 32.44 -7.52 -8.48
N ASP A 395 31.41 -7.31 -9.30
CA ASP A 395 31.46 -6.25 -10.31
C ASP A 395 31.19 -4.87 -9.72
N ILE A 396 30.73 -4.83 -8.47
CA ILE A 396 30.33 -3.57 -7.85
C ILE A 396 31.33 -3.08 -6.81
N ASP A 397 31.74 -1.82 -6.94
CA ASP A 397 32.65 -1.20 -5.99
C ASP A 397 31.92 -0.15 -5.17
N PHE A 398 31.40 -0.57 -4.02
CA PHE A 398 30.65 0.33 -3.15
C PHE A 398 31.56 1.28 -2.39
N ALA A 399 32.82 0.89 -2.24
CA ALA A 399 33.81 1.72 -1.57
C ALA A 399 34.00 3.04 -2.31
N ASP A 400 34.06 2.96 -3.64
CA ASP A 400 34.16 4.15 -4.47
C ASP A 400 32.78 4.52 -5.01
N SER A 401 31.87 4.80 -4.10
CA SER A 401 30.49 5.12 -4.45
C SER A 401 29.88 6.00 -3.36
N PRO A 402 28.75 6.64 -3.65
CA PRO A 402 28.08 7.41 -2.60
C PRO A 402 27.47 6.52 -1.51
N PHE A 403 27.44 5.21 -1.76
CA PHE A 403 26.61 4.33 -0.96
C PHE A 403 27.34 3.44 0.04
N VAL A 404 26.57 2.94 1.00
CA VAL A 404 26.98 1.86 1.88
C VAL A 404 25.83 0.85 1.97
N LEU A 405 26.09 -0.38 1.53
CA LEU A 405 25.06 -1.41 1.49
C LEU A 405 24.57 -1.74 2.90
N GLN A 406 23.26 -1.55 3.12
CA GLN A 406 22.67 -1.76 4.43
C GLN A 406 22.47 -3.24 4.72
N ARG A 407 23.28 -3.78 5.64
CA ARG A 407 23.24 -5.20 5.95
C ARG A 407 22.93 -5.47 7.41
N GLU A 408 22.77 -4.41 8.19
CA GLU A 408 22.39 -4.54 9.59
C GLU A 408 21.34 -3.50 9.96
N ALA A 409 20.47 -3.82 10.90
CA ALA A 409 19.54 -2.84 11.43
C ALA A 409 20.32 -1.73 12.10
N ALA A 410 19.94 -0.49 11.82
CA ALA A 410 20.68 0.65 12.34
C ALA A 410 19.79 1.89 12.42
N PRO A 411 20.11 2.80 13.36
CA PRO A 411 19.33 4.02 13.51
C PRO A 411 19.53 4.97 12.33
N TRP A 412 18.45 5.66 11.94
CA TRP A 412 18.52 6.68 10.91
C TRP A 412 18.26 8.03 11.54
N PRO A 413 19.32 8.68 12.04
CA PRO A 413 19.22 9.94 12.81
C PRO A 413 18.82 11.14 11.96
N ARG A 414 18.00 12.01 12.52
CA ARG A 414 17.58 13.23 11.85
C ARG A 414 18.63 14.33 12.03
N THR A 415 18.98 15.00 10.93
CA THR A 415 19.93 16.11 11.01
C THR A 415 19.22 17.40 11.35
N GLY A 416 19.43 17.89 12.57
CA GLY A 416 18.77 19.09 13.06
C GLY A 416 17.27 18.95 13.00
N THR A 417 16.61 19.90 12.34
CA THR A 417 15.17 19.82 12.12
C THR A 417 14.89 19.58 10.63
N ARG A 418 15.93 19.24 9.88
CA ARG A 418 15.79 19.01 8.45
C ARG A 418 15.19 17.63 8.17
N PRO A 419 14.19 17.58 7.27
CA PRO A 419 13.50 16.34 6.95
C PRO A 419 14.44 15.26 6.44
N ARG A 420 14.20 14.02 6.81
CA ARG A 420 14.94 12.90 6.25
C ARG A 420 14.59 12.78 4.77
N LEU A 421 15.60 12.55 3.93
CA LEU A 421 15.41 12.56 2.48
C LEU A 421 15.72 11.21 1.86
N GLY A 422 14.82 10.74 1.00
CA GLY A 422 14.98 9.43 0.39
C GLY A 422 14.70 9.40 -1.10
N GLY A 423 15.24 8.38 -1.76
CA GLY A 423 15.02 8.18 -3.18
C GLY A 423 14.54 6.77 -3.49
N LEU A 424 13.72 6.64 -4.51
CA LEU A 424 13.11 5.36 -4.84
C LEU A 424 13.11 5.12 -6.35
N SER A 425 13.71 4.00 -6.77
CA SER A 425 13.82 3.67 -8.18
C SER A 425 13.01 2.44 -8.57
N SER A 426 12.50 2.44 -9.80
CA SER A 426 11.83 1.26 -10.34
C SER A 426 12.03 1.25 -11.85
N PHE A 427 12.61 0.16 -12.35
CA PHE A 427 12.99 0.08 -13.76
C PHE A 427 12.28 -1.08 -14.45
N GLY A 428 11.42 -0.76 -15.40
CA GLY A 428 10.70 -1.76 -16.15
C GLY A 428 11.61 -2.55 -17.05
N ALA A 429 11.34 -3.86 -17.17
CA ALA A 429 12.11 -4.73 -18.05
C ALA A 429 12.06 -4.26 -19.49
N GLY A 430 10.98 -3.58 -19.86
CA GLY A 430 10.79 -3.09 -21.21
C GLY A 430 11.46 -1.75 -21.47
N GLY A 431 12.12 -1.20 -20.46
CA GLY A 431 12.88 0.01 -20.64
C GLY A 431 12.32 1.24 -19.95
N SER A 432 11.08 1.17 -19.48
CA SER A 432 10.49 2.30 -18.77
C SER A 432 11.10 2.44 -17.38
N ASN A 433 11.62 3.63 -17.09
CA ASN A 433 12.24 3.89 -15.80
C ASN A 433 11.49 4.96 -15.01
N ALA A 434 11.64 4.92 -13.69
CA ALA A 434 11.00 5.91 -12.83
C ALA A 434 11.79 6.11 -11.55
N HIS A 435 11.79 7.35 -11.07
CA HIS A 435 12.41 7.67 -9.78
C HIS A 435 11.53 8.64 -9.02
N VAL A 436 11.37 8.40 -7.72
CA VAL A 436 10.54 9.24 -6.87
C VAL A 436 11.35 9.74 -5.68
N VAL A 437 11.19 11.03 -5.36
CA VAL A 437 11.91 11.64 -4.25
C VAL A 437 10.97 11.99 -3.10
N VAL A 438 11.21 11.40 -1.93
CA VAL A 438 10.35 11.63 -0.78
C VAL A 438 11.11 12.13 0.44
N GLU A 439 10.44 12.95 1.25
CA GLU A 439 10.94 13.38 2.54
C GLU A 439 9.83 13.26 3.56
N ASP A 440 10.17 13.06 4.83
CA ASP A 440 9.14 13.01 5.87
C ASP A 440 8.68 14.42 6.20
N TYR A 441 7.69 14.52 7.09
CA TYR A 441 7.07 15.80 7.40
C TYR A 441 7.47 16.30 8.79
N VAL A 442 7.63 17.61 8.90
CA VAL A 442 7.93 18.25 10.18
C VAL A 442 6.97 19.42 10.44
N GLU A 443 6.16 19.30 11.48
CA GLU A 443 5.21 20.34 11.83
C GLU A 443 5.91 21.56 12.44
N HIS A 455 -9.20 18.34 24.85
CA HIS A 455 -10.15 17.79 25.82
C HIS A 455 -9.56 16.57 26.52
N ARG A 456 -8.42 16.76 27.19
CA ARG A 456 -7.74 15.69 27.88
C ARG A 456 -8.48 15.26 29.13
N GLY A 457 -8.78 13.97 29.22
CA GLY A 457 -9.44 13.42 30.39
C GLY A 457 -10.96 13.40 30.27
N GLU A 458 -11.50 14.19 29.36
CA GLU A 458 -12.94 14.30 29.18
C GLU A 458 -13.55 13.03 28.60
N THR A 459 -14.87 12.92 28.71
CA THR A 459 -15.59 11.78 28.15
C THR A 459 -15.75 11.93 26.64
N VAL A 460 -15.32 10.92 25.91
CA VAL A 460 -15.51 10.89 24.46
C VAL A 460 -16.48 9.78 24.10
N VAL A 461 -16.96 9.80 22.86
CA VAL A 461 -17.85 8.76 22.38
C VAL A 461 -17.20 7.97 21.25
N VAL A 462 -16.88 6.70 21.53
CA VAL A 462 -16.24 5.83 20.56
C VAL A 462 -17.29 5.08 19.75
N VAL A 463 -17.17 5.16 18.43
CA VAL A 463 -18.19 4.62 17.54
C VAL A 463 -17.61 3.55 16.60
N LEU A 464 -18.42 2.54 16.29
CA LEU A 464 -17.98 1.42 15.48
C LEU A 464 -19.13 0.83 14.68
N SER A 465 -18.93 0.59 13.39
CA SER A 465 -19.97 -0.01 12.57
C SER A 465 -19.42 -0.98 11.51
N ALA A 466 -20.26 -1.93 11.09
CA ALA A 466 -19.88 -2.90 10.07
C ALA A 466 -21.11 -3.42 9.34
N PHE A 467 -20.89 -4.34 8.41
CA PHE A 467 -21.95 -4.82 7.53
C PHE A 467 -23.01 -5.61 8.28
N ASP A 468 -22.58 -6.52 9.15
CA ASP A 468 -23.52 -7.28 9.98
C ASP A 468 -23.00 -7.38 11.42
N GLU A 469 -23.72 -8.13 12.25
CA GLU A 469 -23.38 -8.25 13.66
C GLU A 469 -22.03 -8.94 13.86
N GLU A 470 -21.76 -9.98 13.08
CA GLU A 470 -20.53 -10.73 13.22
C GLU A 470 -19.31 -9.87 12.90
N ARG A 471 -19.35 -9.17 11.78
CA ARG A 471 -18.27 -8.28 11.38
C ARG A 471 -18.07 -7.18 12.42
N LEU A 472 -19.16 -6.73 13.04
CA LEU A 472 -19.08 -5.67 14.05
C LEU A 472 -18.32 -6.13 15.28
N ARG A 473 -18.68 -7.30 15.80
CA ARG A 473 -18.00 -7.85 16.97
C ARG A 473 -16.56 -8.18 16.64
N GLU A 474 -16.30 -8.50 15.38
CA GLU A 474 -14.95 -8.71 14.90
C GLU A 474 -14.13 -7.41 14.96
N SER A 475 -14.73 -6.31 14.52
CA SER A 475 -14.09 -5.00 14.58
C SER A 475 -13.75 -4.61 16.02
N ALA A 476 -14.67 -4.90 16.93
CA ALA A 476 -14.47 -4.58 18.34
C ALA A 476 -13.28 -5.33 18.90
N GLY A 477 -13.13 -6.59 18.48
CA GLY A 477 -12.02 -7.40 18.92
C GLY A 477 -10.68 -6.90 18.40
N ARG A 478 -10.65 -6.53 17.12
CA ARG A 478 -9.40 -6.09 16.51
C ARG A 478 -8.99 -4.71 17.02
N LEU A 479 -9.97 -3.88 17.34
CA LEU A 479 -9.69 -2.57 17.91
C LEU A 479 -9.23 -2.72 19.35
N ARG A 480 -9.84 -3.67 20.06
CA ARG A 480 -9.45 -3.97 21.43
C ARG A 480 -7.99 -4.44 21.48
N ASP A 481 -7.62 -5.29 20.55
CA ASP A 481 -6.27 -5.83 20.50
C ASP A 481 -5.26 -4.73 20.15
N ALA A 482 -5.68 -3.80 19.32
CA ALA A 482 -4.81 -2.69 18.93
C ALA A 482 -4.57 -1.74 20.10
N LEU A 483 -5.62 -1.44 20.86
CA LEU A 483 -5.53 -0.45 21.93
C LEU A 483 -4.89 -1.02 23.19
N ARG A 484 -4.46 -2.28 23.13
CA ARG A 484 -3.71 -2.88 24.23
C ARG A 484 -2.22 -2.70 24.04
N LYS A 485 -1.81 -2.26 22.85
CA LYS A 485 -0.40 -2.05 22.54
C LYS A 485 0.18 -0.93 23.38
N GLU A 486 1.51 -0.88 23.48
CA GLU A 486 2.18 0.04 24.40
C GLU A 486 2.01 1.51 24.05
N ARG A 487 1.77 1.80 22.77
CA ARG A 487 1.71 3.19 22.32
C ARG A 487 0.46 3.92 22.79
N TRP A 488 -0.58 3.17 23.15
CA TRP A 488 -1.87 3.79 23.46
C TRP A 488 -2.06 4.09 24.94
N SER A 489 -2.61 5.26 25.22
CA SER A 489 -2.97 5.67 26.57
C SER A 489 -4.30 6.41 26.54
N SER A 490 -4.80 6.78 27.71
CA SER A 490 -6.07 7.48 27.82
C SER A 490 -6.05 8.84 27.13
N ALA A 491 -4.86 9.41 27.01
CA ALA A 491 -4.69 10.72 26.38
C ALA A 491 -4.98 10.65 24.89
N ASP A 492 -5.03 9.45 24.34
CA ASP A 492 -5.27 9.26 22.91
C ASP A 492 -6.77 9.21 22.59
N LEU A 493 -7.61 9.11 23.62
CA LEU A 493 -9.05 8.94 23.43
C LEU A 493 -9.74 10.00 22.57
N PRO A 494 -9.38 11.29 22.72
CA PRO A 494 -10.02 12.25 21.81
C PRO A 494 -9.68 12.02 20.34
N ASP A 495 -8.44 11.60 20.06
CA ASP A 495 -8.03 11.33 18.69
C ASP A 495 -8.72 10.08 18.14
N ILE A 496 -8.76 9.03 18.95
CA ILE A 496 -9.38 7.77 18.57
C ILE A 496 -10.86 7.96 18.24
N ALA A 497 -11.58 8.65 19.12
CA ALA A 497 -13.00 8.90 18.92
C ALA A 497 -13.25 9.70 17.65
N TYR A 498 -12.45 10.75 17.45
CA TYR A 498 -12.60 11.61 16.28
C TYR A 498 -12.38 10.83 14.98
N THR A 499 -11.32 10.01 14.97
CA THR A 499 -11.00 9.21 13.80
C THR A 499 -12.13 8.25 13.44
N LEU A 500 -12.70 7.60 14.45
CA LEU A 500 -13.76 6.61 14.22
C LEU A 500 -15.09 7.25 13.86
N GLN A 501 -15.24 8.53 14.17
CA GLN A 501 -16.47 9.24 13.87
C GLN A 501 -16.51 9.73 12.43
N VAL A 502 -15.55 10.56 12.07
CA VAL A 502 -15.56 11.24 10.77
C VAL A 502 -14.74 10.48 9.72
N GLY A 503 -14.02 9.45 10.15
CA GLY A 503 -13.16 8.70 9.26
C GLY A 503 -13.63 7.29 8.94
N ARG A 504 -14.87 6.97 9.29
CA ARG A 504 -15.44 5.67 8.97
C ARG A 504 -16.85 5.82 8.41
N GLU A 505 -17.24 4.87 7.58
CA GLU A 505 -18.59 4.83 7.03
C GLU A 505 -19.58 4.35 8.08
N ALA A 506 -20.69 5.07 8.23
CA ALA A 506 -21.74 4.63 9.14
C ALA A 506 -22.53 3.48 8.51
N THR A 508 -24.55 -0.63 8.86
CA THR A 508 -25.79 -1.17 9.42
C THR A 508 -25.68 -1.53 10.91
N ALA A 509 -24.85 -2.52 11.24
CA ALA A 509 -24.65 -2.91 12.62
C ALA A 509 -23.75 -1.91 13.32
N ARG A 510 -24.23 -1.34 14.42
CA ARG A 510 -23.53 -0.23 15.07
C ARG A 510 -23.22 -0.46 16.54
N PHE A 511 -22.19 0.23 17.01
CA PHE A 511 -21.77 0.15 18.41
C PHE A 511 -21.22 1.49 18.87
N ALA A 512 -21.74 2.00 19.97
CA ALA A 512 -21.26 3.27 20.52
C ALA A 512 -21.08 3.18 22.03
N VAL A 513 -20.02 3.78 22.54
CA VAL A 513 -19.76 3.77 23.98
C VAL A 513 -19.09 5.06 24.43
N ALA A 514 -19.60 5.63 25.52
CA ALA A 514 -19.01 6.83 26.11
C ALA A 514 -18.01 6.47 27.19
N VAL A 515 -16.74 6.81 26.96
CA VAL A 515 -15.68 6.49 27.91
C VAL A 515 -14.76 7.68 28.16
N SER A 516 -14.01 7.63 29.26
CA SER A 516 -13.06 8.70 29.57
C SER A 516 -11.67 8.14 29.82
N THR A 517 -11.57 6.82 30.01
CA THR A 517 -10.28 6.16 30.18
C THR A 517 -10.12 5.01 29.20
N LEU A 518 -8.88 4.76 28.79
CA LEU A 518 -8.58 3.69 27.84
C LEU A 518 -8.90 2.27 28.37
N PRO A 519 -8.56 1.97 29.63
CA PRO A 519 -8.92 0.62 30.10
C PRO A 519 -10.42 0.36 30.10
N ALA A 520 -11.22 1.41 30.27
CA ALA A 520 -12.67 1.28 30.23
C ALA A 520 -13.14 1.00 28.81
N LEU A 521 -12.52 1.65 27.84
CA LEU A 521 -12.85 1.44 26.43
C LEU A 521 -12.52 0.01 26.02
N VAL A 522 -11.35 -0.47 26.44
CA VAL A 522 -10.93 -1.84 26.16
C VAL A 522 -11.93 -2.84 26.72
N ASP A 523 -12.42 -2.59 27.94
CA ASP A 523 -13.41 -3.45 28.56
C ASP A 523 -14.71 -3.49 27.76
N ALA A 524 -15.14 -2.33 27.29
CA ALA A 524 -16.37 -2.24 26.51
C ALA A 524 -16.22 -2.97 25.19
N LEU A 525 -15.08 -2.79 24.54
CA LEU A 525 -14.79 -3.44 23.27
C LEU A 525 -14.74 -4.95 23.43
N ASP A 526 -14.11 -5.41 24.51
CA ASP A 526 -14.02 -6.83 24.80
C ASP A 526 -15.42 -7.43 25.02
N ALA A 527 -16.26 -6.69 25.72
CA ALA A 527 -17.62 -7.14 26.00
C ALA A 527 -18.43 -7.29 24.72
N CYS A 528 -18.32 -6.28 23.85
CA CYS A 528 -19.01 -6.32 22.56
C CYS A 528 -18.46 -7.43 21.68
N ALA A 529 -17.15 -7.62 21.69
CA ALA A 529 -16.51 -8.65 20.89
C ALA A 529 -16.93 -10.05 21.34
N LEU A 530 -16.97 -10.27 22.65
CA LEU A 530 -17.33 -11.57 23.21
C LEU A 530 -18.83 -11.75 23.35
N GLY A 531 -19.58 -10.71 23.00
CA GLY A 531 -21.04 -10.76 23.09
C GLY A 531 -21.55 -10.84 24.50
N SER A 532 -20.76 -10.36 25.46
CA SER A 532 -21.18 -10.36 26.86
C SER A 532 -21.87 -9.03 27.20
N GLY A 533 -22.21 -8.88 28.47
CA GLY A 533 -22.94 -7.70 28.93
C GLY A 533 -22.19 -6.41 28.74
N LEU A 534 -22.89 -5.40 28.22
CA LEU A 534 -22.29 -4.09 27.97
C LEU A 534 -22.47 -3.17 29.18
N PRO A 535 -21.47 -2.31 29.42
CA PRO A 535 -21.57 -1.33 30.51
C PRO A 535 -22.66 -0.29 30.24
N ALA A 536 -22.90 0.59 31.21
N ALA A 536 -22.90 0.59 31.21
CA ALA A 536 -24.02 1.53 31.18
CA ALA A 536 -23.81 1.71 31.01
C ALA A 536 -24.04 2.42 29.94
C ALA A 536 -23.15 2.73 30.10
N GLY A 537 -22.94 3.14 29.71
N GLY A 537 -23.94 3.34 29.23
CA GLY A 537 -22.88 4.08 28.61
CA GLY A 537 -23.41 4.30 28.28
C GLY A 537 -22.44 3.45 27.30
C GLY A 537 -22.94 3.64 27.01
N ALA A 538 -23.04 2.32 26.96
CA ALA A 538 -22.68 1.58 25.75
C ALA A 538 -23.95 1.06 25.07
N TYR A 539 -23.96 1.09 23.74
CA TYR A 539 -25.15 0.73 22.98
C TYR A 539 -24.80 -0.11 21.76
N PHE A 540 -25.62 -1.13 21.51
CA PHE A 540 -25.36 -2.08 20.43
C PHE A 540 -26.60 -2.30 19.58
N ASN A 541 -26.41 -2.45 18.28
CA ASN A 541 -27.52 -2.71 17.36
C ASN A 541 -27.05 -3.50 16.15
N PRO A 542 -27.64 -4.70 15.94
CA PRO A 542 -27.34 -5.55 14.79
C PRO A 542 -27.87 -4.97 13.47
N GLY A 543 -28.74 -3.98 13.56
CA GLY A 543 -29.29 -3.35 12.37
C GLY A 543 -30.47 -4.11 11.81
N PHE A 559 -34.04 16.65 15.66
CA PHE A 559 -33.60 16.04 16.90
C PHE A 559 -32.08 16.02 17.02
N GLN A 560 -31.40 15.78 15.90
CA GLN A 560 -29.94 15.72 15.87
C GLN A 560 -29.33 17.02 16.39
N GLU A 561 -29.91 18.15 15.96
CA GLU A 561 -29.44 19.46 16.39
C GLU A 561 -29.50 19.58 17.90
N THR A 562 -30.51 18.97 18.50
CA THR A 562 -30.68 19.01 19.94
C THR A 562 -29.67 18.10 20.63
N ALA A 563 -29.48 16.91 20.08
CA ALA A 563 -28.61 15.91 20.69
C ALA A 563 -27.14 16.30 20.59
N VAL A 564 -26.78 16.99 19.51
CA VAL A 564 -25.39 17.39 19.30
C VAL A 564 -25.03 18.55 20.24
N ARG A 565 -25.98 19.44 20.49
CA ARG A 565 -25.78 20.52 21.44
C ARG A 565 -25.55 19.95 22.83
N TRP A 566 -26.33 18.93 23.18
CA TRP A 566 -26.17 18.22 24.43
C TRP A 566 -24.78 17.60 24.53
N ALA A 567 -24.38 16.92 23.47
CA ALA A 567 -23.08 16.23 23.44
C ALA A 567 -21.93 17.22 23.56
N ARG A 568 -22.09 18.40 22.99
CA ARG A 568 -21.08 19.44 23.08
C ARG A 568 -21.03 20.03 24.49
N ARG A 569 -22.11 19.82 25.25
CA ARG A 569 -22.19 20.29 26.62
C ARG A 569 -21.77 19.19 27.60
N GLY A 570 -21.32 18.06 27.06
CA GLY A 570 -20.86 16.95 27.88
C GLY A 570 -21.92 15.89 28.15
N LYS A 571 -23.01 15.93 27.40
CA LYS A 571 -24.07 14.94 27.54
C LYS A 571 -24.32 14.25 26.19
N PRO A 572 -23.43 13.31 25.82
CA PRO A 572 -23.47 12.69 24.50
C PRO A 572 -24.27 11.39 24.42
N ALA A 573 -24.74 10.89 25.56
CA ALA A 573 -25.46 9.62 25.60
C ALA A 573 -26.70 9.58 24.70
N PRO A 574 -27.56 10.62 24.73
CA PRO A 574 -28.73 10.53 23.83
C PRO A 574 -28.34 10.47 22.36
N LEU A 575 -27.28 11.17 22.00
CA LEU A 575 -26.80 11.16 20.62
C LEU A 575 -26.24 9.79 20.25
N ALA A 576 -25.45 9.22 21.13
CA ALA A 576 -24.82 7.92 20.89
C ALA A 576 -25.86 6.81 20.74
N GLU A 577 -26.87 6.82 21.60
CA GLU A 577 -27.90 5.80 21.55
C GLU A 577 -28.74 5.95 20.28
N ALA A 578 -29.06 7.20 19.95
CA ALA A 578 -29.86 7.49 18.76
C ALA A 578 -29.11 7.07 17.50
N TRP A 579 -27.81 7.35 17.47
CA TRP A 579 -26.97 6.99 16.34
C TRP A 579 -26.94 5.48 16.16
N THR A 580 -26.75 4.76 17.27
CA THR A 580 -26.73 3.31 17.26
C THR A 580 -28.04 2.75 16.71
N SER A 581 -29.13 3.46 16.97
CA SER A 581 -30.45 3.04 16.51
C SER A 581 -30.63 3.28 15.01
N GLY A 582 -29.69 4.01 14.40
CA GLY A 582 -29.70 4.20 12.97
C GLY A 582 -29.73 5.64 12.50
N LEU A 583 -29.85 6.57 13.44
CA LEU A 583 -29.91 7.99 13.12
C LEU A 583 -28.60 8.47 12.48
N ALA A 584 -28.72 9.13 11.34
CA ALA A 584 -27.55 9.71 10.68
C ALA A 584 -27.04 10.88 11.51
N VAL A 585 -25.72 10.95 11.69
CA VAL A 585 -25.13 12.00 12.52
C VAL A 585 -23.93 12.65 11.84
N ASP A 586 -23.95 13.97 11.77
CA ASP A 586 -22.81 14.72 11.25
C ASP A 586 -21.85 15.04 12.39
N TRP A 587 -20.92 14.11 12.64
CA TRP A 587 -20.05 14.18 13.82
C TRP A 587 -19.13 15.39 13.85
N ALA A 588 -18.93 16.03 12.70
CA ALA A 588 -18.06 17.19 12.61
C ALA A 588 -18.55 18.31 13.51
N ARG A 589 -19.87 18.37 13.73
CA ARG A 589 -20.48 19.43 14.53
C ARG A 589 -19.98 19.41 15.97
N LEU A 590 -19.52 18.26 16.43
CA LEU A 590 -18.99 18.13 17.78
C LEU A 590 -17.66 18.87 17.95
N HIS A 591 -16.86 18.87 16.90
CA HIS A 591 -15.49 19.35 17.00
C HIS A 591 -15.26 20.66 16.25
N THR A 592 -16.13 21.64 16.52
CA THR A 592 -16.02 22.95 15.89
C THR A 592 -15.64 24.01 16.92
N GLY A 594 -13.06 23.69 19.76
CA GLY A 594 -11.84 24.43 19.49
C GLY A 594 -11.03 23.82 18.37
N PRO A 595 -9.80 23.35 18.69
CA PRO A 595 -8.93 22.68 17.72
C PRO A 595 -9.34 21.23 17.48
N LYS A 596 -9.29 20.79 16.22
CA LYS A 596 -9.71 19.43 15.87
C LYS A 596 -8.67 18.39 16.26
N PRO A 597 -9.13 17.26 16.83
CA PRO A 597 -8.25 16.15 17.22
C PRO A 597 -7.52 15.56 16.03
N ARG A 598 -6.41 14.87 16.29
CA ARG A 598 -5.63 14.28 15.22
C ARG A 598 -6.29 13.01 14.71
N LYS A 599 -6.19 12.76 13.41
CA LYS A 599 -6.54 11.47 12.87
C LYS A 599 -5.41 10.52 13.18
N VAL A 600 -5.72 9.28 13.53
CA VAL A 600 -4.69 8.31 13.86
C VAL A 600 -4.90 7.00 13.12
N ALA A 601 -3.85 6.19 13.07
CA ALA A 601 -3.92 4.91 12.39
C ALA A 601 -4.64 3.87 13.26
N LEU A 602 -5.79 3.41 12.78
CA LEU A 602 -6.56 2.40 13.48
C LEU A 602 -6.80 1.22 12.55
N PRO A 603 -7.08 0.03 13.12
CA PRO A 603 -7.34 -1.17 12.30
C PRO A 603 -8.43 -0.93 11.26
N GLY A 604 -8.22 -1.49 10.07
CA GLY A 604 -9.18 -1.36 8.98
C GLY A 604 -10.33 -2.35 9.09
N TYR A 605 -11.31 -2.22 8.21
CA TYR A 605 -12.48 -3.10 8.21
C TYR A 605 -12.08 -4.56 8.04
N PRO A 606 -12.69 -5.45 8.83
CA PRO A 606 -12.44 -6.89 8.76
C PRO A 606 -13.26 -7.55 7.68
N PHE A 607 -12.75 -7.55 6.44
CA PHE A 607 -13.48 -8.10 5.31
C PHE A 607 -13.81 -9.57 5.51
N ALA A 608 -15.00 -9.96 5.04
CA ALA A 608 -15.38 -11.37 4.98
C ALA A 608 -14.40 -12.12 4.08
N ARG A 609 -13.99 -13.30 4.50
CA ARG A 609 -12.93 -14.03 3.81
C ARG A 609 -13.44 -15.27 3.08
N GLU A 610 -14.58 -15.13 2.41
CA GLU A 610 -15.16 -16.22 1.64
C GLU A 610 -14.45 -16.34 0.29
N ARG A 611 -14.30 -17.57 -0.19
CA ARG A 611 -13.49 -17.86 -1.36
C ARG A 611 -14.28 -17.81 -2.67
N TYR A 612 -13.71 -17.13 -3.67
CA TYR A 612 -14.32 -17.06 -5.00
C TYR A 612 -13.30 -17.37 -6.08
N TRP A 613 -13.68 -18.25 -7.00
CA TRP A 613 -12.80 -18.65 -8.09
C TRP A 613 -13.62 -18.96 -9.34
N TYR A 614 -12.97 -18.98 -10.50
CA TYR A 614 -13.69 -19.11 -11.77
C TYR A 614 -14.37 -20.47 -11.93
N THR A 615 -13.98 -21.44 -11.11
CA THR A 615 -14.54 -22.79 -11.22
C THR A 615 -15.83 -22.93 -10.42
N ASP A 616 -16.19 -21.89 -9.69
CA ASP A 616 -17.42 -21.89 -8.89
C ASP A 616 -18.65 -22.16 -9.76
N GLY A 617 -19.40 -23.21 -9.41
CA GLY A 617 -20.62 -23.55 -10.12
C GLY A 617 -20.41 -24.34 -11.38
N LEU A 618 -19.17 -24.36 -11.86
CA LEU A 618 -18.82 -25.08 -13.07
C LEU A 618 -18.60 -26.56 -12.79
N PRO A 619 -19.05 -27.43 -13.71
CA PRO A 619 -18.89 -28.88 -13.57
C PRO A 619 -17.45 -29.34 -13.81
N GLU A 620 -17.01 -30.38 -13.10
CA GLU A 620 -15.66 -30.89 -13.25
C GLU A 620 -15.53 -31.79 -14.48
#